data_8AAP
#
_entry.id   8AAP
#
_cell.length_a   29.433
_cell.length_b   56.822
_cell.length_c   56.933
_cell.angle_alpha   109.670
_cell.angle_beta   104.390
_cell.angle_gamma   101.550
#
_symmetry.space_group_name_H-M   'P 1'
#
loop_
_entity.id
_entity.type
_entity.pdbx_description
1 polymer Syntenin-1
2 non-polymer '(2S)-2-[[(2S)-2-(6-bromanyl-3-oxidanylidene-1H-isoindol-2-yl)-3-[4-(5-ethanoyl-2-fluoranyl-phenyl)phenyl]propanoyl]amino]propanoic acid'
3 water water
#
_entity_poly.entity_id   1
_entity_poly.type   'polypeptide(L)'
_entity_poly.pdbx_seq_one_letter_code
;GAMDPREVILCKDQDGKIGLRLKSIDNGIFVQLVQANSPASLVGLRFGDQVLQINGENCAGWSSDKAHKVLKQAFGEKIT
MTIRDRPFERTITMHKDSTGHVGFIFKNGKITSIVKDSSAARNGLLTEHNICEINGQNVIGLKDSQIADILSTSGTVVTI
TIMPAF
;
_entity_poly.pdbx_strand_id   A,B
#
loop_
_chem_comp.id
_chem_comp.type
_chem_comp.name
_chem_comp.formula
LLV non-polymer '(2S)-2-[[(2S)-2-(6-bromanyl-3-oxidanylidene-1H-isoindol-2-yl)-3-[4-(5-ethanoyl-2-fluoranyl-phenyl)phenyl]propanoyl]amino]propanoic acid' 'C28 H24 Br F N2 O5'
#
# COMPACT_ATOMS: atom_id res chain seq x y z
N PRO A 5 -0.15 11.65 -12.23
CA PRO A 5 -0.33 13.00 -11.69
C PRO A 5 -1.31 13.87 -12.48
N ARG A 6 -2.26 14.50 -11.80
CA ARG A 6 -3.24 15.37 -12.43
C ARG A 6 -3.32 16.72 -11.71
N GLU A 7 -3.77 17.76 -12.40
CA GLU A 7 -3.84 19.10 -11.83
C GLU A 7 -5.27 19.53 -11.66
N VAL A 8 -5.70 19.81 -10.41
CA VAL A 8 -7.06 20.28 -10.16
C VAL A 8 -7.06 21.74 -9.67
N ILE A 9 -7.96 22.58 -10.22
CA ILE A 9 -8.05 23.97 -9.78
C ILE A 9 -9.23 24.14 -8.83
N LEU A 10 -8.98 24.74 -7.66
CA LEU A 10 -10.01 24.90 -6.66
C LEU A 10 -10.38 26.36 -6.38
N CYS A 11 -11.68 26.68 -6.45
CA CYS A 11 -12.17 28.01 -6.14
C CYS A 11 -12.50 28.04 -4.65
N LYS A 12 -11.96 29.02 -3.91
CA LYS A 12 -12.21 29.14 -2.48
C LYS A 12 -13.59 29.70 -2.24
N ASP A 13 -14.40 29.00 -1.45
CA ASP A 13 -15.77 29.43 -1.20
C ASP A 13 -15.94 30.25 0.09
N GLN A 14 -16.49 31.49 -0.05
CA GLN A 14 -16.83 32.54 0.95
C GLN A 14 -15.80 32.81 2.08
N ASP A 15 -15.49 31.83 2.95
CA ASP A 15 -14.56 32.05 4.06
C ASP A 15 -13.12 31.65 3.77
N GLY A 16 -12.75 31.61 2.49
CA GLY A 16 -11.42 31.23 2.07
C GLY A 16 -11.09 29.79 2.46
N LYS A 17 -12.11 28.93 2.45
CA LYS A 17 -11.94 27.52 2.83
C LYS A 17 -12.25 26.59 1.66
N ILE A 18 -11.48 25.50 1.58
CA ILE A 18 -11.62 24.53 0.49
C ILE A 18 -12.46 23.29 0.86
N GLY A 19 -12.74 23.08 2.14
CA GLY A 19 -13.50 21.92 2.59
C GLY A 19 -12.63 20.68 2.52
N LEU A 20 -11.37 20.82 2.95
CA LEU A 20 -10.36 19.79 2.84
C LEU A 20 -9.52 19.77 4.10
N ARG A 21 -9.20 18.58 4.58
CA ARG A 21 -8.25 18.44 5.67
C ARG A 21 -7.13 17.54 5.15
N LEU A 22 -5.90 17.99 5.33
CA LEU A 22 -4.74 17.28 4.88
C LEU A 22 -3.95 16.73 6.08
N LYS A 23 -3.23 15.64 5.85
CA LYS A 23 -2.42 15.03 6.90
C LYS A 23 -1.04 14.67 6.37
N SER A 24 0.01 14.88 7.19
CA SER A 24 1.38 14.49 6.87
C SER A 24 1.57 13.00 7.23
N ILE A 25 1.84 12.14 6.23
CA ILE A 25 2.07 10.70 6.45
C ILE A 25 3.33 10.30 5.67
N ASP A 26 4.35 9.72 6.34
CA ASP A 26 5.59 9.29 5.67
C ASP A 26 6.23 10.41 4.83
N ASN A 27 6.19 11.64 5.36
CA ASN A 27 6.76 12.80 4.68
C ASN A 27 6.05 13.16 3.37
N GLY A 28 4.79 12.74 3.26
CA GLY A 28 3.88 13.05 2.17
C GLY A 28 2.65 13.73 2.71
N ILE A 29 1.85 14.29 1.82
CA ILE A 29 0.65 15.01 2.18
C ILE A 29 -0.49 14.28 1.52
N PHE A 30 -1.46 13.88 2.34
CA PHE A 30 -2.60 13.09 1.91
C PHE A 30 -3.90 13.73 2.30
N VAL A 31 -4.94 13.44 1.51
CA VAL A 31 -6.29 13.91 1.75
C VAL A 31 -6.91 13.02 2.84
N GLN A 32 -7.31 13.66 3.95
CA GLN A 32 -7.82 13.03 5.18
C GLN A 32 -9.32 13.24 5.40
N LEU A 33 -9.84 14.41 5.02
CA LEU A 33 -11.26 14.71 5.18
C LEU A 33 -11.73 15.59 4.01
N VAL A 34 -12.79 15.15 3.31
CA VAL A 34 -13.39 15.93 2.22
C VAL A 34 -14.85 16.17 2.56
N GLN A 35 -15.22 17.42 2.80
CA GLN A 35 -16.59 17.77 3.15
C GLN A 35 -17.50 17.61 1.94
N ALA A 36 -18.70 17.05 2.14
CA ALA A 36 -19.63 16.86 1.02
C ALA A 36 -20.14 18.21 0.52
N ASN A 37 -20.30 18.36 -0.81
CA ASN A 37 -20.80 19.58 -1.45
C ASN A 37 -19.88 20.79 -1.20
N SER A 38 -18.57 20.56 -1.30
CA SER A 38 -17.52 21.56 -1.09
C SER A 38 -16.69 21.76 -2.39
N PRO A 39 -15.94 22.87 -2.52
CA PRO A 39 -15.09 23.03 -3.72
C PRO A 39 -14.13 21.86 -3.97
N ALA A 40 -13.68 21.20 -2.89
CA ALA A 40 -12.78 20.05 -2.99
C ALA A 40 -13.51 18.82 -3.52
N SER A 41 -14.73 18.57 -3.02
CA SER A 41 -15.61 17.44 -3.39
C SER A 41 -15.96 17.49 -4.90
N LEU A 42 -16.14 18.71 -5.41
CA LEU A 42 -16.50 19.02 -6.78
C LEU A 42 -15.44 18.60 -7.80
N VAL A 43 -14.14 18.90 -7.51
CA VAL A 43 -13.04 18.63 -8.45
C VAL A 43 -12.45 17.20 -8.35
N GLY A 44 -13.11 16.30 -7.63
CA GLY A 44 -12.70 14.90 -7.56
C GLY A 44 -11.86 14.41 -6.38
N LEU A 45 -11.51 15.29 -5.45
CA LEU A 45 -10.70 14.95 -4.29
C LEU A 45 -11.34 13.90 -3.38
N ARG A 46 -10.62 12.79 -3.17
CA ARG A 46 -11.08 11.67 -2.35
C ARG A 46 -10.14 11.37 -1.21
N PHE A 47 -10.66 10.73 -0.16
CA PHE A 47 -9.88 10.24 0.99
C PHE A 47 -8.72 9.34 0.48
N GLY A 48 -7.50 9.64 0.89
CA GLY A 48 -6.34 8.85 0.48
C GLY A 48 -5.61 9.36 -0.75
N ASP A 49 -6.16 10.42 -1.40
CA ASP A 49 -5.44 11.02 -2.55
C ASP A 49 -4.15 11.66 -2.02
N GLN A 50 -3.09 11.60 -2.80
CA GLN A 50 -1.82 12.22 -2.40
C GLN A 50 -1.66 13.56 -3.09
N VAL A 51 -1.30 14.59 -2.33
CA VAL A 51 -1.07 15.91 -2.88
C VAL A 51 0.44 16.03 -3.09
N LEU A 52 0.89 16.17 -4.34
CA LEU A 52 2.32 16.29 -4.68
C LEU A 52 2.78 17.74 -4.58
N GLN A 53 1.95 18.67 -5.08
CA GLN A 53 2.24 20.10 -5.12
C GLN A 53 1.00 20.97 -4.80
N ILE A 54 1.22 22.10 -4.10
CA ILE A 54 0.17 23.09 -3.85
C ILE A 54 0.67 24.40 -4.45
N ASN A 55 -0.04 24.96 -5.44
CA ASN A 55 0.39 26.20 -6.13
C ASN A 55 1.79 26.09 -6.76
N GLY A 56 2.15 24.89 -7.20
CA GLY A 56 3.44 24.65 -7.84
C GLY A 56 4.57 24.32 -6.90
N GLU A 57 4.33 24.30 -5.58
CA GLU A 57 5.40 24.01 -4.62
C GLU A 57 5.27 22.60 -4.06
N ASN A 58 6.36 21.86 -3.92
CA ASN A 58 6.33 20.49 -3.41
C ASN A 58 5.85 20.41 -1.97
N CYS A 59 4.98 19.41 -1.67
CA CYS A 59 4.49 19.14 -0.31
C CYS A 59 5.41 18.22 0.49
N ALA A 60 6.44 17.65 -0.12
CA ALA A 60 7.37 16.75 0.55
C ALA A 60 7.95 17.33 1.86
N GLY A 61 7.75 16.61 2.95
CA GLY A 61 8.26 17.02 4.26
C GLY A 61 7.41 18.03 5.00
N TRP A 62 6.33 18.54 4.38
CA TRP A 62 5.48 19.51 5.05
C TRP A 62 4.75 18.86 6.23
N SER A 63 4.63 19.58 7.35
CA SER A 63 3.87 19.09 8.48
C SER A 63 2.37 19.34 8.17
N SER A 64 1.46 18.75 8.95
CA SER A 64 0.03 18.96 8.75
C SER A 64 -0.35 20.46 8.93
N ASP A 65 0.37 21.19 9.77
CA ASP A 65 0.12 22.61 9.99
C ASP A 65 0.60 23.47 8.82
N LYS A 66 1.73 23.08 8.21
CA LYS A 66 2.29 23.80 7.08
C LYS A 66 1.32 23.74 5.89
N ALA A 67 0.77 22.55 5.61
CA ALA A 67 -0.17 22.34 4.52
C ALA A 67 -1.41 23.21 4.67
N HIS A 68 -1.94 23.34 5.90
CA HIS A 68 -3.13 24.17 6.13
C HIS A 68 -2.81 25.67 6.14
N LYS A 69 -1.62 26.04 6.63
CA LYS A 69 -1.11 27.42 6.66
C LYS A 69 -0.99 27.93 5.22
N VAL A 70 -0.46 27.08 4.31
CA VAL A 70 -0.30 27.38 2.89
C VAL A 70 -1.65 27.62 2.20
N LEU A 71 -2.63 26.72 2.41
CA LEU A 71 -3.95 26.79 1.80
C LEU A 71 -4.73 28.05 2.15
N LYS A 72 -4.60 28.53 3.41
CA LYS A 72 -5.32 29.73 3.82
C LYS A 72 -4.56 30.99 3.42
N GLN A 73 -3.23 31.01 3.60
CA GLN A 73 -2.43 32.17 3.23
C GLN A 73 -2.13 32.27 1.73
N ALA A 74 -2.95 31.63 0.88
CA ALA A 74 -2.76 31.71 -0.56
C ALA A 74 -3.50 32.92 -1.11
N PHE A 75 -2.81 33.74 -1.92
CA PHE A 75 -3.41 34.94 -2.52
C PHE A 75 -4.33 34.54 -3.69
N GLY A 76 -5.48 35.19 -3.78
CA GLY A 76 -6.47 34.92 -4.81
C GLY A 76 -7.34 33.73 -4.47
N GLU A 77 -8.58 33.70 -4.96
CA GLU A 77 -9.49 32.60 -4.66
C GLU A 77 -9.22 31.33 -5.46
N LYS A 78 -8.05 31.22 -6.13
CA LYS A 78 -7.76 30.01 -6.89
C LYS A 78 -6.47 29.33 -6.43
N ILE A 79 -6.57 28.02 -6.17
CA ILE A 79 -5.46 27.21 -5.71
C ILE A 79 -5.33 26.02 -6.63
N THR A 80 -4.14 25.82 -7.19
CA THR A 80 -3.88 24.68 -8.04
C THR A 80 -3.24 23.55 -7.19
N MET A 81 -3.52 22.30 -7.53
CA MET A 81 -2.98 21.16 -6.81
C MET A 81 -2.62 20.07 -7.79
N THR A 82 -1.46 19.42 -7.58
CA THR A 82 -1.08 18.27 -8.40
C THR A 82 -1.35 17.04 -7.52
N ILE A 83 -2.20 16.15 -8.00
CA ILE A 83 -2.70 15.00 -7.25
C ILE A 83 -2.30 13.68 -7.85
N ARG A 84 -2.19 12.67 -6.98
CA ARG A 84 -1.96 11.28 -7.34
C ARG A 84 -3.16 10.51 -6.76
N ASP A 85 -3.96 9.88 -7.64
CA ASP A 85 -5.16 9.11 -7.33
C ASP A 85 -4.87 8.04 -6.31
N ARG A 86 -5.52 8.07 -5.11
CA ARG A 86 -5.32 7.14 -3.97
C ARG A 86 -4.29 5.99 -4.21
N PRO A 87 -2.97 6.28 -4.05
CA PRO A 87 -1.95 5.24 -4.30
C PRO A 87 -2.00 3.99 -3.43
N PHE A 88 -2.61 4.05 -2.23
CA PHE A 88 -2.69 2.88 -1.35
C PHE A 88 -3.96 2.01 -1.55
N GLU A 89 -4.78 2.34 -2.55
CA GLU A 89 -6.06 1.64 -2.81
C GLU A 89 -5.86 0.26 -3.43
N ARG A 90 -6.49 -0.76 -2.82
CA ARG A 90 -6.53 -2.15 -3.30
C ARG A 90 -7.98 -2.65 -3.31
N THR A 91 -8.29 -3.54 -4.23
CA THR A 91 -9.62 -4.09 -4.37
C THR A 91 -9.59 -5.57 -4.09
N ILE A 92 -10.56 -6.06 -3.26
CA ILE A 92 -10.68 -7.47 -2.87
C ILE A 92 -12.12 -7.96 -3.07
N THR A 93 -12.31 -9.05 -3.86
CA THR A 93 -13.64 -9.62 -4.09
C THR A 93 -13.87 -10.80 -3.17
N MET A 94 -15.03 -10.85 -2.56
CA MET A 94 -15.45 -11.93 -1.66
C MET A 94 -16.88 -12.41 -2.01
N HIS A 95 -17.29 -13.58 -1.49
CA HIS A 95 -18.62 -14.13 -1.72
C HIS A 95 -19.30 -14.44 -0.39
N LYS A 96 -20.58 -14.11 -0.29
CA LYS A 96 -21.36 -14.37 0.91
C LYS A 96 -21.53 -15.86 1.09
N ASP A 97 -21.43 -16.31 2.33
CA ASP A 97 -21.64 -17.73 2.64
C ASP A 97 -23.16 -17.99 2.77
N SER A 98 -23.59 -19.17 3.24
CA SER A 98 -25.01 -19.48 3.40
C SER A 98 -25.73 -18.61 4.46
N THR A 99 -24.99 -17.98 5.38
CA THR A 99 -25.58 -17.07 6.37
C THR A 99 -25.62 -15.60 5.87
N GLY A 100 -25.12 -15.33 4.66
CA GLY A 100 -25.13 -13.99 4.10
C GLY A 100 -23.94 -13.14 4.54
N HIS A 101 -22.87 -13.77 5.05
CA HIS A 101 -21.69 -13.03 5.48
C HIS A 101 -20.43 -13.42 4.72
N VAL A 102 -19.51 -12.47 4.53
CA VAL A 102 -18.20 -12.63 3.90
C VAL A 102 -17.08 -12.86 4.93
N GLY A 103 -17.31 -12.47 6.20
CA GLY A 103 -16.38 -12.77 7.27
C GLY A 103 -15.46 -11.73 7.87
N PHE A 104 -15.96 -10.53 8.19
CA PHE A 104 -15.09 -9.56 8.86
C PHE A 104 -15.84 -8.67 9.84
N ILE A 105 -15.15 -8.25 10.88
CA ILE A 105 -15.68 -7.35 11.89
C ILE A 105 -15.09 -5.97 11.62
N PHE A 106 -15.91 -4.92 11.66
CA PHE A 106 -15.42 -3.56 11.43
C PHE A 106 -15.92 -2.61 12.50
N LYS A 107 -15.19 -1.53 12.75
CA LYS A 107 -15.56 -0.48 13.69
C LYS A 107 -14.94 0.81 13.17
N ASN A 108 -15.74 1.88 13.12
CA ASN A 108 -15.37 3.19 12.57
C ASN A 108 -14.87 3.07 11.11
N GLY A 109 -15.48 2.15 10.35
CA GLY A 109 -15.10 1.95 8.95
C GLY A 109 -13.77 1.23 8.76
N LYS A 110 -13.20 0.69 9.84
CA LYS A 110 -11.94 -0.02 9.77
C LYS A 110 -12.07 -1.48 10.16
N ILE A 111 -11.63 -2.39 9.27
CA ILE A 111 -11.63 -3.83 9.52
C ILE A 111 -10.74 -4.17 10.73
N THR A 112 -11.35 -4.70 11.79
CA THR A 112 -10.64 -5.07 13.02
C THR A 112 -10.43 -6.57 13.18
N SER A 113 -11.24 -7.41 12.51
CA SER A 113 -11.07 -8.86 12.64
C SER A 113 -11.50 -9.64 11.38
N ILE A 114 -10.95 -10.85 11.22
CA ILE A 114 -11.26 -11.74 10.10
C ILE A 114 -11.79 -13.03 10.69
N VAL A 115 -12.94 -13.53 10.22
CA VAL A 115 -13.50 -14.79 10.73
C VAL A 115 -12.82 -16.01 10.05
N LYS A 116 -12.45 -17.06 10.81
CA LYS A 116 -11.83 -18.27 10.24
C LYS A 116 -12.74 -18.98 9.23
N ASP A 117 -12.11 -19.63 8.25
CA ASP A 117 -12.73 -20.37 7.14
C ASP A 117 -13.83 -19.53 6.47
N SER A 118 -13.58 -18.23 6.33
CA SER A 118 -14.53 -17.33 5.69
C SER A 118 -14.01 -16.90 4.31
N SER A 119 -14.86 -16.19 3.54
CA SER A 119 -14.47 -15.67 2.24
C SER A 119 -13.36 -14.62 2.37
N ALA A 120 -13.42 -13.81 3.44
CA ALA A 120 -12.40 -12.80 3.75
C ALA A 120 -11.07 -13.50 4.06
N ALA A 121 -11.12 -14.63 4.79
CA ALA A 121 -9.93 -15.39 5.14
C ALA A 121 -9.34 -16.00 3.88
N ARG A 122 -10.17 -16.66 3.02
CA ARG A 122 -9.66 -17.27 1.79
C ARG A 122 -9.02 -16.27 0.83
N ASN A 123 -9.52 -15.04 0.84
CA ASN A 123 -9.06 -13.99 -0.06
C ASN A 123 -7.99 -13.06 0.54
N GLY A 124 -7.43 -13.43 1.68
CA GLY A 124 -6.40 -12.66 2.37
C GLY A 124 -6.76 -11.23 2.74
N LEU A 125 -8.04 -10.99 3.17
CA LEU A 125 -8.45 -9.64 3.61
C LEU A 125 -7.66 -9.23 4.88
N LEU A 126 -7.20 -7.99 4.96
CA LEU A 126 -6.37 -7.53 6.07
C LEU A 126 -7.06 -6.65 7.10
N THR A 127 -6.57 -6.66 8.34
CA THR A 127 -7.07 -5.77 9.39
C THR A 127 -6.28 -4.45 9.35
N GLU A 128 -6.70 -3.45 10.15
CA GLU A 128 -6.11 -2.11 10.20
C GLU A 128 -6.13 -1.48 8.82
N HIS A 129 -7.26 -1.65 8.14
CA HIS A 129 -7.50 -1.13 6.80
C HIS A 129 -8.85 -0.50 6.83
N ASN A 130 -8.95 0.74 6.37
CA ASN A 130 -10.24 1.40 6.28
C ASN A 130 -10.88 0.96 4.97
N ILE A 131 -12.21 0.86 4.96
CA ILE A 131 -13.01 0.50 3.79
C ILE A 131 -13.39 1.80 3.06
N CYS A 132 -13.20 1.85 1.76
CA CYS A 132 -13.49 3.06 1.00
C CYS A 132 -14.72 2.94 0.17
N GLU A 133 -14.90 1.82 -0.50
CA GLU A 133 -16.07 1.57 -1.33
C GLU A 133 -16.52 0.13 -1.14
N ILE A 134 -17.83 -0.11 -1.33
CA ILE A 134 -18.39 -1.45 -1.33
C ILE A 134 -19.22 -1.54 -2.60
N ASN A 135 -18.85 -2.40 -3.54
CA ASN A 135 -19.57 -2.59 -4.80
C ASN A 135 -19.82 -1.27 -5.55
N GLY A 136 -18.82 -0.38 -5.55
CA GLY A 136 -18.94 0.89 -6.25
C GLY A 136 -19.46 2.07 -5.44
N GLN A 137 -20.17 1.81 -4.33
CA GLN A 137 -20.69 2.88 -3.48
C GLN A 137 -19.64 3.36 -2.50
N ASN A 138 -19.41 4.69 -2.41
CA ASN A 138 -18.46 5.26 -1.46
C ASN A 138 -18.97 5.09 -0.03
N VAL A 139 -18.12 4.66 0.92
CA VAL A 139 -18.56 4.52 2.30
C VAL A 139 -17.77 5.40 3.30
N ILE A 140 -16.83 6.26 2.82
CA ILE A 140 -16.09 7.15 3.70
C ILE A 140 -17.06 8.19 4.22
N GLY A 141 -17.14 8.38 5.53
CA GLY A 141 -18.09 9.33 6.10
C GLY A 141 -19.38 8.71 6.60
N LEU A 142 -19.67 7.44 6.24
CA LEU A 142 -20.93 6.80 6.71
C LEU A 142 -20.77 6.19 8.10
N LYS A 143 -21.84 6.18 8.87
CA LYS A 143 -21.82 5.52 10.18
C LYS A 143 -21.81 4.00 9.96
N ASP A 144 -21.29 3.24 10.95
CA ASP A 144 -21.22 1.78 10.83
C ASP A 144 -22.54 1.10 10.44
N SER A 145 -23.68 1.57 10.98
CA SER A 145 -24.97 0.95 10.68
C SER A 145 -25.40 1.15 9.20
N GLN A 146 -24.99 2.26 8.58
CA GLN A 146 -25.26 2.51 7.15
C GLN A 146 -24.37 1.65 6.27
N ILE A 147 -23.13 1.36 6.72
CA ILE A 147 -22.22 0.47 5.99
C ILE A 147 -22.78 -0.97 6.02
N ALA A 148 -23.32 -1.38 7.18
CA ALA A 148 -23.96 -2.69 7.40
C ALA A 148 -25.26 -2.82 6.54
N ASP A 149 -25.96 -1.71 6.30
CA ASP A 149 -27.14 -1.70 5.45
C ASP A 149 -26.77 -1.97 3.97
N ILE A 150 -25.62 -1.50 3.53
CA ILE A 150 -25.12 -1.69 2.18
C ILE A 150 -24.69 -3.16 1.96
N LEU A 151 -23.96 -3.70 2.94
CA LEU A 151 -23.49 -5.09 2.95
C LEU A 151 -24.69 -6.02 2.95
N SER A 152 -25.70 -5.73 3.75
CA SER A 152 -26.91 -6.55 3.86
C SER A 152 -27.72 -6.57 2.57
N THR A 153 -27.77 -5.47 1.81
CA THR A 153 -28.55 -5.46 0.57
C THR A 153 -27.68 -5.88 -0.65
N SER A 154 -26.45 -6.37 -0.43
CA SER A 154 -25.60 -6.81 -1.53
C SER A 154 -26.02 -8.23 -2.01
N GLY A 155 -25.73 -8.50 -3.28
CA GLY A 155 -25.85 -9.84 -3.86
C GLY A 155 -24.74 -10.72 -3.29
N THR A 156 -24.44 -11.89 -3.90
CA THR A 156 -23.44 -12.82 -3.35
C THR A 156 -22.02 -12.25 -3.46
N VAL A 157 -21.74 -11.53 -4.55
CA VAL A 157 -20.46 -10.89 -4.82
C VAL A 157 -20.33 -9.56 -4.08
N VAL A 158 -19.34 -9.48 -3.17
CA VAL A 158 -19.01 -8.30 -2.37
C VAL A 158 -17.57 -7.86 -2.73
N THR A 159 -17.42 -6.80 -3.53
CA THR A 159 -16.09 -6.27 -3.88
C THR A 159 -15.86 -5.04 -3.01
N ILE A 160 -14.79 -5.01 -2.21
CA ILE A 160 -14.48 -3.85 -1.40
C ILE A 160 -13.12 -3.23 -1.73
N THR A 161 -13.03 -1.91 -1.67
CA THR A 161 -11.75 -1.23 -1.88
C THR A 161 -11.30 -0.79 -0.50
N ILE A 162 -10.05 -1.06 -0.14
CA ILE A 162 -9.50 -0.78 1.17
C ILE A 162 -8.18 -0.01 1.06
N MET A 163 -7.70 0.54 2.18
CA MET A 163 -6.44 1.23 2.25
C MET A 163 -5.90 1.03 3.67
N PRO A 164 -4.56 0.96 3.86
CA PRO A 164 -4.04 0.81 5.24
C PRO A 164 -4.46 1.99 6.10
N ALA A 165 -4.92 1.74 7.33
CA ALA A 165 -5.43 2.78 8.24
C ALA A 165 -4.45 3.91 8.52
N PHE A 166 -3.13 3.60 8.56
CA PHE A 166 -2.04 4.58 8.77
C PHE A 166 -2.21 5.45 10.03
N ASP B 4 -5.40 -11.12 -9.37
CA ASP B 4 -5.94 -12.41 -9.00
C ASP B 4 -4.85 -13.34 -8.51
N PRO B 5 -5.11 -14.15 -7.46
CA PRO B 5 -4.06 -15.04 -6.95
C PRO B 5 -3.72 -16.20 -7.88
N ARG B 6 -2.48 -16.72 -7.76
CA ARG B 6 -1.96 -17.84 -8.55
C ARG B 6 -1.42 -18.94 -7.64
N GLU B 7 -1.42 -20.19 -8.13
CA GLU B 7 -0.94 -21.32 -7.35
C GLU B 7 0.47 -21.68 -7.78
N VAL B 8 1.38 -21.85 -6.82
CA VAL B 8 2.76 -22.25 -7.13
C VAL B 8 3.06 -23.58 -6.47
N ILE B 9 3.80 -24.46 -7.16
CA ILE B 9 4.18 -25.75 -6.62
C ILE B 9 5.66 -25.69 -6.32
N LEU B 10 6.03 -25.92 -5.05
CA LEU B 10 7.43 -25.86 -4.67
C LEU B 10 7.99 -27.22 -4.28
N CYS B 11 9.14 -27.57 -4.85
CA CYS B 11 9.79 -28.83 -4.53
C CYS B 11 11.01 -28.55 -3.65
N LYS B 12 11.10 -29.20 -2.48
CA LYS B 12 12.21 -29.03 -1.56
C LYS B 12 13.53 -29.46 -2.22
N ASP B 13 14.65 -28.77 -1.89
CA ASP B 13 15.95 -28.99 -2.53
C ASP B 13 16.79 -30.18 -2.01
N GLN B 14 16.92 -30.36 -0.69
CA GLN B 14 17.76 -31.44 -0.15
C GLN B 14 17.43 -31.71 1.33
N ASP B 15 17.39 -30.64 2.15
CA ASP B 15 17.10 -30.68 3.59
C ASP B 15 15.65 -30.35 3.91
N GLY B 16 14.76 -30.41 2.92
CA GLY B 16 13.38 -30.02 3.11
C GLY B 16 13.22 -28.51 3.20
N LYS B 17 14.17 -27.75 2.62
CA LYS B 17 14.17 -26.29 2.65
C LYS B 17 13.66 -25.69 1.34
N ILE B 18 12.75 -24.75 1.46
CA ILE B 18 12.13 -24.09 0.31
C ILE B 18 12.82 -22.75 -0.07
N GLY B 19 13.64 -22.19 0.81
CA GLY B 19 14.37 -20.96 0.56
C GLY B 19 13.52 -19.71 0.62
N LEU B 20 12.70 -19.61 1.68
CA LEU B 20 11.72 -18.55 1.93
C LEU B 20 11.72 -18.19 3.42
N ARG B 21 11.36 -16.94 3.76
CA ARG B 21 11.22 -16.48 5.14
C ARG B 21 9.88 -15.72 5.18
N LEU B 22 8.95 -16.09 6.08
CA LEU B 22 7.63 -15.47 6.19
C LEU B 22 7.49 -14.44 7.33
N LYS B 23 6.41 -13.61 7.29
CA LYS B 23 6.11 -12.57 8.27
C LYS B 23 4.61 -12.28 8.37
N SER B 24 4.09 -12.26 9.60
CA SER B 24 2.71 -11.90 9.84
C SER B 24 2.59 -10.37 9.85
N ILE B 25 1.66 -9.83 9.04
CA ILE B 25 1.38 -8.40 8.92
C ILE B 25 -0.13 -8.26 8.74
N ASP B 26 -0.82 -7.52 9.63
CA ASP B 26 -2.25 -7.24 9.54
C ASP B 26 -3.11 -8.49 9.36
N ASN B 27 -2.85 -9.52 10.16
CA ASN B 27 -3.52 -10.83 10.14
C ASN B 27 -3.36 -11.61 8.83
N GLY B 28 -2.37 -11.23 8.05
CA GLY B 28 -1.95 -11.90 6.83
C GLY B 28 -0.55 -12.43 6.98
N ILE B 29 -0.05 -13.14 5.96
CA ILE B 29 1.28 -13.71 5.92
C ILE B 29 1.90 -13.24 4.63
N PHE B 30 3.10 -12.69 4.73
CA PHE B 30 3.87 -12.18 3.58
C PHE B 30 5.27 -12.76 3.57
N VAL B 31 5.86 -12.84 2.38
CA VAL B 31 7.24 -13.30 2.25
C VAL B 31 8.19 -12.11 2.55
N GLN B 32 9.11 -12.35 3.47
CA GLN B 32 10.11 -11.41 3.97
C GLN B 32 11.45 -11.56 3.26
N LEU B 33 11.76 -12.71 2.66
CA LEU B 33 13.06 -12.92 1.96
C LEU B 33 13.02 -14.15 1.07
N VAL B 34 13.63 -14.05 -0.11
CA VAL B 34 13.67 -15.14 -1.06
C VAL B 34 15.14 -15.41 -1.38
N GLN B 35 15.62 -16.62 -1.08
CA GLN B 35 17.01 -17.02 -1.31
C GLN B 35 17.31 -17.14 -2.80
N ALA B 36 18.49 -16.69 -3.23
CA ALA B 36 18.89 -16.75 -4.64
C ALA B 36 19.03 -18.21 -5.15
N ASN B 37 18.54 -18.46 -6.38
CA ASN B 37 18.56 -19.74 -7.09
C ASN B 37 17.79 -20.90 -6.41
N SER B 38 16.97 -20.61 -5.39
CA SER B 38 16.19 -21.57 -4.58
C SER B 38 14.84 -21.99 -5.19
N PRO B 39 14.16 -23.06 -4.69
CA PRO B 39 12.82 -23.39 -5.23
C PRO B 39 11.85 -22.20 -5.19
N ALA B 40 11.87 -21.41 -4.11
CA ALA B 40 11.04 -20.20 -4.01
C ALA B 40 11.38 -19.19 -5.11
N SER B 41 12.68 -18.96 -5.36
CA SER B 41 13.13 -18.04 -6.41
C SER B 41 12.77 -18.55 -7.82
N LEU B 42 12.78 -19.88 -7.99
CA LEU B 42 12.50 -20.59 -9.24
C LEU B 42 11.09 -20.38 -9.71
N VAL B 43 10.12 -20.43 -8.80
CA VAL B 43 8.71 -20.28 -9.15
C VAL B 43 8.19 -18.83 -9.18
N GLY B 44 9.08 -17.85 -9.07
CA GLY B 44 8.69 -16.45 -9.16
C GLY B 44 8.47 -15.69 -7.87
N LEU B 45 8.60 -16.35 -6.71
CA LEU B 45 8.37 -15.66 -5.43
C LEU B 45 9.31 -14.47 -5.18
N ARG B 46 8.73 -13.33 -4.81
CA ARG B 46 9.48 -12.11 -4.54
C ARG B 46 9.08 -11.52 -3.20
N PHE B 47 9.95 -10.69 -2.60
CA PHE B 47 9.71 -9.95 -1.35
C PHE B 47 8.36 -9.27 -1.36
N GLY B 48 7.60 -9.40 -0.29
CA GLY B 48 6.30 -8.76 -0.19
C GLY B 48 5.14 -9.48 -0.81
N ASP B 49 5.35 -10.68 -1.34
CA ASP B 49 4.24 -11.48 -1.89
C ASP B 49 3.37 -11.93 -0.71
N GLN B 50 2.05 -11.98 -0.92
CA GLN B 50 1.14 -12.44 0.13
C GLN B 50 0.80 -13.91 0.00
N VAL B 51 0.91 -14.66 1.09
CA VAL B 51 0.55 -16.08 1.08
C VAL B 51 -0.87 -16.27 1.63
N LEU B 52 -1.80 -16.69 0.77
CA LEU B 52 -3.19 -16.89 1.17
C LEU B 52 -3.42 -18.26 1.80
N GLN B 53 -2.86 -19.31 1.20
CA GLN B 53 -2.98 -20.68 1.68
C GLN B 53 -1.66 -21.43 1.61
N ILE B 54 -1.38 -22.28 2.60
CA ILE B 54 -0.21 -23.17 2.57
C ILE B 54 -0.80 -24.59 2.63
N ASN B 55 -0.56 -25.39 1.58
CA ASN B 55 -1.09 -26.74 1.45
C ASN B 55 -2.59 -26.81 1.66
N GLY B 56 -3.29 -25.82 1.13
CA GLY B 56 -4.74 -25.78 1.22
C GLY B 56 -5.36 -25.01 2.37
N GLU B 57 -4.63 -24.79 3.49
CA GLU B 57 -5.22 -24.08 4.64
C GLU B 57 -4.89 -22.61 4.67
N ASN B 58 -5.88 -21.79 5.05
CA ASN B 58 -5.76 -20.35 5.13
C ASN B 58 -4.71 -19.90 6.12
N CYS B 59 -3.82 -19.01 5.69
CA CYS B 59 -2.78 -18.44 6.56
C CYS B 59 -3.30 -17.32 7.47
N ALA B 60 -4.59 -16.96 7.38
CA ALA B 60 -5.22 -15.88 8.12
C ALA B 60 -5.03 -15.97 9.63
N GLY B 61 -4.40 -14.97 10.20
CA GLY B 61 -4.14 -14.94 11.63
C GLY B 61 -2.93 -15.76 12.08
N TRP B 62 -2.31 -16.53 11.16
CA TRP B 62 -1.15 -17.33 11.52
C TRP B 62 0.01 -16.44 11.92
N SER B 63 0.72 -16.80 12.99
CA SER B 63 1.86 -16.02 13.43
C SER B 63 3.08 -16.30 12.53
N SER B 64 4.20 -15.56 12.68
CA SER B 64 5.41 -15.83 11.89
C SER B 64 5.91 -17.25 12.18
N ASP B 65 5.90 -17.66 13.47
CA ASP B 65 6.36 -18.98 13.89
C ASP B 65 5.47 -20.08 13.34
N LYS B 66 4.15 -19.87 13.35
CA LYS B 66 3.19 -20.85 12.85
C LYS B 66 3.44 -21.19 11.39
N ALA B 67 3.62 -20.18 10.52
CA ALA B 67 3.89 -20.42 9.11
C ALA B 67 5.16 -21.27 8.89
N HIS B 68 6.24 -20.98 9.64
CA HIS B 68 7.48 -21.73 9.54
C HIS B 68 7.35 -23.14 10.09
N LYS B 69 6.56 -23.31 11.15
CA LYS B 69 6.28 -24.61 11.74
C LYS B 69 5.57 -25.49 10.70
N VAL B 70 4.52 -24.94 10.02
CA VAL B 70 3.74 -25.61 8.97
C VAL B 70 4.62 -25.98 7.77
N LEU B 71 5.56 -25.10 7.39
CA LEU B 71 6.47 -25.38 6.28
C LEU B 71 7.48 -26.47 6.67
N LYS B 72 7.99 -26.42 7.91
CA LYS B 72 8.96 -27.37 8.45
C LYS B 72 8.35 -28.77 8.53
N GLN B 73 7.11 -28.83 9.03
CA GLN B 73 6.37 -30.07 9.21
C GLN B 73 5.58 -30.52 7.98
N ALA B 74 6.00 -30.13 6.77
CA ALA B 74 5.33 -30.57 5.55
C ALA B 74 5.77 -32.02 5.26
N PHE B 75 4.84 -32.87 4.78
CA PHE B 75 5.10 -34.29 4.56
C PHE B 75 6.05 -34.57 3.33
N GLY B 76 5.52 -34.59 2.11
CA GLY B 76 6.32 -34.89 0.93
C GLY B 76 7.13 -33.72 0.44
N GLU B 77 7.94 -33.96 -0.61
CA GLU B 77 8.80 -32.96 -1.22
C GLU B 77 8.04 -31.89 -2.03
N LYS B 78 6.72 -31.73 -1.81
CA LYS B 78 5.94 -30.75 -2.55
C LYS B 78 5.04 -29.90 -1.65
N ILE B 79 5.27 -28.57 -1.65
CA ILE B 79 4.47 -27.64 -0.86
C ILE B 79 3.69 -26.74 -1.79
N THR B 80 2.36 -26.83 -1.79
CA THR B 80 1.54 -25.98 -2.65
C THR B 80 1.17 -24.65 -1.93
N MET B 81 1.18 -23.53 -2.68
CA MET B 81 0.92 -22.22 -2.09
C MET B 81 0.05 -21.39 -2.99
N THR B 82 -0.88 -20.65 -2.41
CA THR B 82 -1.68 -19.70 -3.16
C THR B 82 -1.10 -18.33 -2.83
N ILE B 83 -0.69 -17.60 -3.88
CA ILE B 83 -0.03 -16.33 -3.69
C ILE B 83 -0.76 -15.17 -4.33
N ARG B 84 -0.79 -14.04 -3.64
CA ARG B 84 -1.23 -12.79 -4.20
C ARG B 84 0.08 -12.00 -4.44
N ASP B 85 0.33 -11.68 -5.71
CA ASP B 85 1.50 -10.96 -6.21
C ASP B 85 1.69 -9.64 -5.45
N ARG B 86 2.86 -9.40 -4.80
CA ARG B 86 3.18 -8.18 -4.00
C ARG B 86 2.07 -7.07 -4.03
N PRO B 87 1.11 -7.16 -3.09
CA PRO B 87 -0.03 -6.23 -3.13
C PRO B 87 0.30 -4.79 -2.76
N PHE B 88 1.38 -4.57 -1.99
CA PHE B 88 1.83 -3.26 -1.55
C PHE B 88 2.83 -2.55 -2.49
N GLU B 89 3.15 -3.17 -3.62
CA GLU B 89 4.12 -2.61 -4.57
C GLU B 89 3.68 -1.34 -5.33
N ARG B 90 4.52 -0.31 -5.27
CA ARG B 90 4.38 0.93 -6.05
C ARG B 90 5.73 1.21 -6.77
N THR B 91 5.68 1.80 -7.95
CA THR B 91 6.85 2.14 -8.72
C THR B 91 6.90 3.66 -8.91
N ILE B 92 8.07 4.27 -8.62
CA ILE B 92 8.33 5.70 -8.75
C ILE B 92 9.50 5.87 -9.70
N THR B 93 9.38 6.72 -10.72
CA THR B 93 10.45 7.03 -11.66
C THR B 93 10.96 8.44 -11.40
N MET B 94 12.25 8.56 -11.19
CA MET B 94 12.94 9.82 -10.89
C MET B 94 14.10 10.06 -11.86
N HIS B 95 14.56 11.31 -11.96
CA HIS B 95 15.66 11.67 -12.82
C HIS B 95 16.78 12.28 -12.00
N LYS B 96 18.00 11.83 -12.21
CA LYS B 96 19.17 12.35 -11.50
C LYS B 96 19.39 13.80 -11.84
N ASP B 97 19.79 14.62 -10.87
CA ASP B 97 20.12 16.01 -11.14
C ASP B 97 21.61 16.07 -11.63
N SER B 98 22.16 17.26 -11.84
CA SER B 98 23.54 17.48 -12.27
C SER B 98 24.57 16.89 -11.31
N THR B 99 24.22 16.73 -10.03
CA THR B 99 25.17 16.15 -9.06
C THR B 99 25.08 14.60 -8.97
N GLY B 100 24.21 13.98 -9.77
CA GLY B 100 24.02 12.53 -9.80
C GLY B 100 23.10 12.00 -8.72
N HIS B 101 22.12 12.81 -8.25
CA HIS B 101 21.22 12.33 -7.20
C HIS B 101 19.77 12.53 -7.50
N VAL B 102 18.92 11.64 -6.98
CA VAL B 102 17.45 11.74 -7.09
C VAL B 102 16.85 12.44 -5.85
N GLY B 103 17.55 12.45 -4.71
CA GLY B 103 17.10 13.18 -3.53
C GLY B 103 16.44 12.43 -2.39
N PHE B 104 17.06 11.32 -1.92
CA PHE B 104 16.54 10.62 -0.76
C PHE B 104 17.67 9.98 0.08
N ILE B 105 17.44 9.86 1.37
CA ILE B 105 18.33 9.25 2.33
C ILE B 105 17.76 7.94 2.79
N PHE B 106 18.61 6.94 2.98
CA PHE B 106 18.16 5.63 3.40
C PHE B 106 19.07 4.98 4.46
N LYS B 107 18.54 4.04 5.20
CA LYS B 107 19.27 3.31 6.24
C LYS B 107 18.63 1.95 6.34
N ASN B 108 19.45 0.88 6.29
CA ASN B 108 19.02 -0.53 6.28
C ASN B 108 18.01 -0.82 5.16
N GLY B 109 18.18 -0.17 4.00
CA GLY B 109 17.31 -0.39 2.85
C GLY B 109 15.96 0.30 2.92
N LYS B 110 15.79 1.24 3.88
CA LYS B 110 14.54 1.96 4.09
C LYS B 110 14.69 3.46 3.89
N ILE B 111 13.84 4.08 3.05
CA ILE B 111 13.89 5.54 2.86
C ILE B 111 13.52 6.23 4.18
N THR B 112 14.41 7.11 4.66
CA THR B 112 14.26 7.82 5.94
C THR B 112 14.19 9.35 5.76
N SER B 113 14.52 9.87 4.57
CA SER B 113 14.47 11.32 4.37
C SER B 113 14.32 11.66 2.91
N ILE B 114 13.63 12.79 2.63
CA ILE B 114 13.45 13.28 1.28
C ILE B 114 14.12 14.64 1.20
N VAL B 115 15.04 14.79 0.25
CA VAL B 115 15.74 16.07 0.05
C VAL B 115 14.77 17.07 -0.62
N LYS B 116 14.79 18.34 -0.19
CA LYS B 116 13.89 19.36 -0.75
C LYS B 116 14.31 19.77 -2.17
N ASP B 117 13.33 20.08 -3.03
CA ASP B 117 13.55 20.46 -4.43
C ASP B 117 14.19 19.36 -5.30
N SER B 118 14.08 18.12 -4.87
CA SER B 118 14.66 17.00 -5.58
C SER B 118 13.65 16.31 -6.49
N SER B 119 14.12 15.43 -7.35
CA SER B 119 13.28 14.59 -8.18
C SER B 119 12.37 13.72 -7.32
N ALA B 120 12.89 13.21 -6.18
CA ALA B 120 12.12 12.42 -5.22
C ALA B 120 11.03 13.26 -4.61
N ALA B 121 11.33 14.52 -4.26
CA ALA B 121 10.31 15.41 -3.69
C ALA B 121 9.23 15.75 -4.75
N ARG B 122 9.64 15.96 -6.01
CA ARG B 122 8.68 16.24 -7.08
C ARG B 122 7.74 15.06 -7.35
N ASN B 123 8.24 13.84 -7.19
CA ASN B 123 7.46 12.64 -7.46
C ASN B 123 6.73 12.07 -6.25
N GLY B 124 6.69 12.80 -5.13
CA GLY B 124 6.01 12.31 -3.94
C GLY B 124 6.56 11.02 -3.36
N LEU B 125 7.89 10.83 -3.37
CA LEU B 125 8.50 9.63 -2.76
C LEU B 125 8.30 9.70 -1.22
N LEU B 126 8.01 8.56 -0.59
CA LEU B 126 7.66 8.51 0.82
C LEU B 126 8.69 7.84 1.69
N THR B 127 8.80 8.29 2.96
CA THR B 127 9.69 7.67 3.94
C THR B 127 9.00 6.44 4.59
N GLU B 128 9.72 5.69 5.44
CA GLU B 128 9.24 4.44 6.03
C GLU B 128 8.77 3.47 4.96
N HIS B 129 9.50 3.42 3.86
CA HIS B 129 9.22 2.51 2.76
C HIS B 129 10.54 1.81 2.44
N ASN B 130 10.50 0.52 2.31
CA ASN B 130 11.63 -0.31 1.97
C ASN B 130 11.80 -0.25 0.47
N ILE B 131 13.03 -0.23 0.02
CA ILE B 131 13.33 -0.25 -1.41
C ILE B 131 13.44 -1.74 -1.80
N CYS B 132 12.67 -2.16 -2.79
CA CYS B 132 12.68 -3.54 -3.22
C CYS B 132 13.52 -3.75 -4.44
N GLU B 133 13.37 -2.90 -5.46
CA GLU B 133 14.14 -2.96 -6.70
C GLU B 133 14.55 -1.56 -7.17
N ILE B 134 15.62 -1.50 -7.95
CA ILE B 134 16.12 -0.27 -8.56
C ILE B 134 16.39 -0.68 -9.99
N ASN B 135 15.60 -0.15 -10.95
CA ASN B 135 15.73 -0.45 -12.39
C ASN B 135 15.69 -1.95 -12.65
N GLY B 136 14.76 -2.66 -12.01
CA GLY B 136 14.61 -4.11 -12.17
C GLY B 136 15.56 -5.00 -11.39
N GLN B 137 16.54 -4.44 -10.72
CA GLN B 137 17.52 -5.17 -9.92
C GLN B 137 16.98 -5.29 -8.48
N ASN B 138 16.80 -6.51 -7.96
CA ASN B 138 16.35 -6.71 -6.58
C ASN B 138 17.44 -6.23 -5.59
N VAL B 139 17.06 -5.45 -4.59
CA VAL B 139 18.02 -4.93 -3.61
C VAL B 139 17.74 -5.41 -2.17
N ILE B 140 16.71 -6.27 -1.97
CA ILE B 140 16.39 -6.86 -0.68
C ILE B 140 17.55 -7.72 -0.24
N GLY B 141 18.04 -7.52 0.99
CA GLY B 141 19.16 -8.30 1.50
C GLY B 141 20.54 -7.72 1.19
N LEU B 142 20.62 -6.61 0.44
CA LEU B 142 21.92 -6.01 0.15
C LEU B 142 22.31 -5.02 1.23
N LYS B 143 23.62 -4.83 1.46
CA LYS B 143 24.07 -3.82 2.41
C LYS B 143 23.85 -2.42 1.79
N ASP B 144 23.77 -1.40 2.61
CA ASP B 144 23.53 -0.03 2.15
C ASP B 144 24.56 0.48 1.15
N SER B 145 25.85 0.13 1.33
CA SER B 145 26.88 0.60 0.39
C SER B 145 26.73 -0.06 -1.00
N GLN B 146 26.20 -1.29 -1.05
CA GLN B 146 25.93 -1.99 -2.32
C GLN B 146 24.72 -1.37 -3.04
N ILE B 147 23.73 -0.89 -2.27
CA ILE B 147 22.58 -0.19 -2.84
C ILE B 147 23.08 1.13 -3.44
N ALA B 148 23.94 1.84 -2.70
CA ALA B 148 24.60 3.06 -3.15
C ALA B 148 25.41 2.81 -4.45
N ASP B 149 26.06 1.66 -4.55
CA ASP B 149 26.82 1.30 -5.74
C ASP B 149 25.91 1.15 -6.97
N ILE B 150 24.71 0.53 -6.81
CA ILE B 150 23.74 0.35 -7.90
C ILE B 150 23.17 1.70 -8.39
N LEU B 151 22.90 2.64 -7.45
CA LEU B 151 22.44 4.00 -7.74
C LEU B 151 23.56 4.81 -8.41
N SER B 152 24.80 4.70 -7.91
CA SER B 152 25.97 5.38 -8.44
C SER B 152 26.30 4.99 -9.88
N THR B 153 26.00 3.75 -10.26
CA THR B 153 26.30 3.28 -11.61
C THR B 153 25.05 3.26 -12.54
N SER B 154 23.95 3.89 -12.09
CA SER B 154 22.75 3.97 -12.87
C SER B 154 22.82 5.13 -13.88
N GLY B 155 22.06 5.00 -14.96
CA GLY B 155 21.86 6.08 -15.92
C GLY B 155 21.02 7.19 -15.28
N THR B 156 20.59 8.19 -16.06
CA THR B 156 19.82 9.32 -15.54
C THR B 156 18.45 8.89 -14.99
N VAL B 157 17.81 7.90 -15.63
CA VAL B 157 16.50 7.42 -15.18
C VAL B 157 16.64 6.41 -14.02
N VAL B 158 15.95 6.68 -12.90
CA VAL B 158 16.02 5.80 -11.74
C VAL B 158 14.61 5.39 -11.34
N THR B 159 14.22 4.15 -11.62
CA THR B 159 12.88 3.68 -11.28
C THR B 159 13.00 2.79 -10.06
N ILE B 160 12.33 3.13 -8.94
CA ILE B 160 12.44 2.30 -7.75
C ILE B 160 11.08 1.70 -7.34
N THR B 161 11.09 0.46 -6.94
CA THR B 161 9.91 -0.24 -6.46
C THR B 161 9.97 -0.16 -4.93
N ILE B 162 8.88 0.23 -4.28
CA ILE B 162 8.86 0.44 -2.84
C ILE B 162 7.63 -0.24 -2.21
N MET B 163 7.69 -0.47 -0.91
CA MET B 163 6.61 -1.05 -0.15
C MET B 163 6.69 -0.45 1.25
N PRO B 164 5.54 -0.20 1.92
CA PRO B 164 5.60 0.36 3.28
C PRO B 164 6.37 -0.56 4.22
N ALA B 165 7.17 0.01 5.14
CA ALA B 165 7.94 -0.81 6.07
C ALA B 165 7.07 -1.56 7.07
C1 LLV C . -18.40 -16.55 7.88
N1 LLV C . -20.67 -6.54 11.27
C2 LLV C . -19.26 -16.17 9.04
C3 LLV C . -19.95 -17.17 9.72
C4 LLV C . -20.73 -16.86 10.81
C5 LLV C . -20.84 -15.54 11.19
C6 LLV C . -20.19 -14.50 10.52
C7 LLV C . -20.45 -13.07 10.82
C8 LLV C . -21.72 -12.63 11.20
C9 LLV C . -21.96 -11.30 11.49
C10 LLV C . -20.95 -10.36 11.42
C11 LLV C . -21.22 -8.91 11.75
O4 LLV C . -18.64 -6.12 12.22
C24 LLV C . -19.77 -5.78 11.94
C23 LLV C . -20.44 -4.50 12.24
C22 LLV C . -20.00 -3.37 12.92
C21 LLV C . -20.86 -2.31 13.10
C20 LLV C . -22.14 -2.38 12.61
BR LLV C . -23.39 -1.05 13.09
C19 LLV C . -22.58 -3.46 11.88
C18 LLV C . -21.72 -4.53 11.72
C17 LLV C . -21.95 -5.86 11.05
C12 LLV C . -20.42 -7.91 10.89
C13 LLV C . -20.75 -8.02 9.41
N LLV C . -19.71 -7.92 8.57
C14 LLV C . -19.86 -8.17 7.15
C16 LLV C . -19.83 -9.65 6.80
O3 LLV C . -19.13 -10.43 7.58
O2 LLV C . -20.43 -10.04 5.81
C15 LLV C . -18.76 -7.46 6.38
O1 LLV C . -21.90 -8.17 9.03
C25 LLV C . -19.68 -10.79 11.03
C26 LLV C . -19.44 -12.12 10.73
F LLV C . -21.60 -15.25 12.27
C27 LLV C . -19.38 -14.85 9.44
O LLV C . -18.34 -15.82 6.89
C LLV C . -17.68 -17.86 7.89
C1 LLV D . 19.21 16.68 -4.88
N1 LLV D . 22.80 7.94 0.33
C2 LLV D . 20.30 16.67 -3.86
C3 LLV D . 20.81 17.86 -3.35
C4 LLV D . 21.75 17.86 -2.35
C5 LLV D . 22.20 16.66 -1.87
C6 LLV D . 21.73 15.43 -2.34
C7 LLV D . 22.15 14.13 -1.78
C8 LLV D . 23.51 13.77 -1.67
C9 LLV D . 23.89 12.55 -1.17
C10 LLV D . 22.94 11.63 -0.71
C11 LLV D . 23.37 10.33 -0.09
O4 LLV D . 21.30 7.98 2.04
C24 LLV D . 22.28 7.52 1.51
C23 LLV D . 23.12 6.38 1.95
C22 LLV D . 23.08 5.62 3.12
C21 LLV D . 24.02 4.62 3.30
C20 LLV D . 24.98 4.40 2.33
BR LLV D . 26.37 3.16 2.69
C19 LLV D . 25.02 5.13 1.17
C18 LLV D . 24.08 6.13 0.98
C17 LLV D . 23.91 7.11 -0.15
C12 LLV D . 22.38 9.17 -0.31
C13 LLV D . 22.15 8.87 -1.80
N LLV D . 20.90 8.58 -2.15
C14 LLV D . 20.55 8.41 -3.55
C16 LLV D . 20.39 9.72 -4.31
O3 LLV D . 20.06 10.78 -3.59
O2 LLV D . 20.51 9.73 -5.50
C15 LLV D . 19.28 7.60 -3.68
O1 LLV D . 23.08 8.93 -2.58
C25 LLV D . 21.61 11.97 -0.82
C26 LLV D . 21.22 13.19 -1.34
F LLV D . 23.12 16.67 -0.87
C27 LLV D . 20.78 15.45 -3.35
O LLV D . 18.83 15.63 -5.39
C LLV D . 18.59 17.98 -5.28
#